data_5FEY
#
_entry.id   5FEY
#
_cell.length_a   54.536
_cell.length_b   54.536
_cell.length_c   99.120
_cell.angle_alpha   90.00
_cell.angle_beta   90.00
_cell.angle_gamma   90.00
#
_symmetry.space_group_name_H-M   'P 43 21 2'
#
loop_
_entity.id
_entity.type
_entity.pdbx_description
1 polymer 'E3 ubiquitin-protein ligase TRIM32'
2 non-polymer 'ZINC ION'
3 water water
#
_entity_poly.entity_id   1
_entity_poly.type   'polypeptide(L)'
_entity_poly.pdbx_seq_one_letter_code
;MSHLNLDALREVLECPICMESFTEEQLRPKLLHCGHTICRQCLEKLLASSINGVRCPFCSKITRITSLTQLTDNLTVLKI
IDTAGLSEHHHHHH
;
_entity_poly.pdbx_strand_id   A,B
#
loop_
_chem_comp.id
_chem_comp.type
_chem_comp.name
_chem_comp.formula
ZN non-polymer 'ZINC ION' 'Zn 2'
#
# COMPACT_ATOMS: atom_id res chain seq x y z
N SER A 2 10.96 7.36 -15.47
CA SER A 2 9.56 7.47 -15.08
C SER A 2 9.31 8.71 -14.25
N HIS A 3 8.22 9.41 -14.54
CA HIS A 3 7.89 10.65 -13.85
C HIS A 3 7.50 10.36 -12.40
N LEU A 4 7.32 11.43 -11.63
CA LEU A 4 6.92 11.32 -10.24
C LEU A 4 6.43 12.68 -9.77
N ASN A 5 5.39 12.66 -8.92
CA ASN A 5 4.83 13.88 -8.36
C ASN A 5 5.52 14.17 -7.03
N LEU A 6 6.19 15.32 -6.95
CA LEU A 6 6.97 15.62 -5.75
C LEU A 6 6.08 16.00 -4.58
N ASP A 7 5.06 16.82 -4.82
CA ASP A 7 4.16 17.23 -3.75
C ASP A 7 3.37 16.05 -3.21
N ALA A 8 2.92 15.15 -4.09
CA ALA A 8 2.20 13.96 -3.64
C ALA A 8 3.11 13.02 -2.87
N LEU A 9 4.38 12.92 -3.27
CA LEU A 9 5.32 12.06 -2.55
C LEU A 9 5.52 12.52 -1.11
N ARG A 10 5.46 13.82 -0.84
CA ARG A 10 5.58 14.30 0.52
C ARG A 10 4.33 13.99 1.34
N GLU A 11 3.15 14.08 0.72
CA GLU A 11 1.91 13.82 1.43
C GLU A 11 1.84 12.38 1.94
N VAL A 12 2.24 11.43 1.10
CA VAL A 12 2.09 10.01 1.44
C VAL A 12 3.09 9.55 2.50
N LEU A 13 4.09 10.37 2.83
CA LEU A 13 5.11 9.97 3.79
C LEU A 13 4.81 10.46 5.20
N GLU A 14 3.71 11.17 5.42
CA GLU A 14 3.30 11.58 6.76
C GLU A 14 1.83 11.25 6.97
N CYS A 15 1.48 10.96 8.22
CA CYS A 15 0.12 10.59 8.55
C CYS A 15 -0.83 11.73 8.22
N PRO A 16 -1.94 11.48 7.51
CA PRO A 16 -2.87 12.56 7.17
C PRO A 16 -3.67 13.10 8.35
N ILE A 17 -3.53 12.52 9.54
CA ILE A 17 -4.28 12.98 10.70
C ILE A 17 -3.39 13.85 11.58
N CYS A 18 -2.37 13.25 12.21
CA CYS A 18 -1.50 13.98 13.11
C CYS A 18 -0.41 14.75 12.39
N MET A 19 -0.29 14.60 11.07
CA MET A 19 0.63 15.33 10.21
C MET A 19 2.10 15.06 10.54
N GLU A 20 2.40 14.02 11.29
CA GLU A 20 3.77 13.64 11.55
C GLU A 20 4.23 12.59 10.53
N SER A 21 5.51 12.65 10.19
CA SER A 21 6.07 11.72 9.21
C SER A 21 6.08 10.30 9.77
N PHE A 22 5.76 9.33 8.91
CA PHE A 22 5.73 7.94 9.33
C PHE A 22 7.11 7.48 9.77
N THR A 23 7.13 6.63 10.78
CA THR A 23 8.33 5.99 11.29
C THR A 23 8.15 4.47 11.23
N GLU A 24 9.21 3.75 11.62
CA GLU A 24 9.14 2.29 11.58
C GLU A 24 8.45 1.69 12.80
N GLU A 25 8.44 2.41 13.93
CA GLU A 25 7.85 1.88 15.16
C GLU A 25 6.74 2.78 15.68
N GLN A 26 7.04 4.00 16.11
CA GLN A 26 6.06 4.89 16.71
C GLN A 26 4.91 5.21 15.76
N LEU A 27 5.21 5.90 14.67
CA LEU A 27 4.20 6.27 13.68
C LEU A 27 4.22 5.30 12.50
N ARG A 28 4.13 4.00 12.79
CA ARG A 28 4.21 3.00 11.75
C ARG A 28 3.01 3.10 10.82
N PRO A 29 3.19 3.18 9.51
CA PRO A 29 2.05 3.34 8.60
C PRO A 29 1.28 2.04 8.47
N LYS A 30 0.00 2.09 8.83
CA LYS A 30 -0.87 0.92 8.82
C LYS A 30 -1.88 1.02 7.69
N LEU A 31 -2.12 -0.10 7.02
CA LEU A 31 -3.04 -0.15 5.90
C LEU A 31 -4.42 -0.58 6.38
N LEU A 32 -5.40 0.31 6.27
CA LEU A 32 -6.78 -0.09 6.47
C LEU A 32 -7.26 -0.88 5.26
N HIS A 33 -8.33 -1.64 5.46
CA HIS A 33 -8.84 -2.49 4.39
C HIS A 33 -9.37 -1.69 3.21
N CYS A 34 -9.71 -0.41 3.42
CA CYS A 34 -10.15 0.45 2.34
C CYS A 34 -9.01 0.97 1.48
N GLY A 35 -7.76 0.81 1.91
CA GLY A 35 -6.60 1.25 1.17
C GLY A 35 -5.94 2.50 1.69
N HIS A 36 -6.63 3.29 2.50
CA HIS A 36 -6.04 4.49 3.08
C HIS A 36 -5.08 4.11 4.20
N THR A 37 -4.13 5.01 4.47
CA THR A 37 -3.07 4.75 5.43
C THR A 37 -3.10 5.78 6.54
N ILE A 38 -3.06 5.29 7.78
CA ILE A 38 -2.93 6.13 8.97
C ILE A 38 -1.86 5.51 9.86
N CYS A 39 -1.25 6.35 10.70
CA CYS A 39 -0.18 5.89 11.56
C CYS A 39 -0.74 5.02 12.68
N ARG A 40 0.16 4.34 13.40
CA ARG A 40 -0.26 3.44 14.46
C ARG A 40 -0.87 4.22 15.63
N GLN A 41 -0.26 5.35 16.00
CA GLN A 41 -0.74 6.11 17.14
C GLN A 41 -2.15 6.66 16.88
N CYS A 42 -2.37 7.24 15.70
CA CYS A 42 -3.71 7.68 15.34
C CYS A 42 -4.67 6.51 15.27
N LEU A 43 -4.17 5.33 14.87
CA LEU A 43 -4.99 4.13 14.84
C LEU A 43 -5.35 3.67 16.25
N GLU A 44 -4.48 3.90 17.22
CA GLU A 44 -4.76 3.51 18.61
C GLU A 44 -5.93 4.29 19.18
N LYS A 45 -6.17 5.51 18.72
CA LYS A 45 -7.30 6.29 19.22
C LYS A 45 -8.62 5.61 18.86
N LEU A 46 -8.69 5.01 17.67
CA LEU A 46 -9.86 4.28 17.21
C LEU A 46 -9.94 2.86 17.77
N LEU A 47 -8.85 2.38 18.40
CA LEU A 47 -8.80 1.08 19.05
C LEU A 47 -9.59 1.03 20.36
N ALA A 48 -10.07 2.18 20.85
CA ALA A 48 -10.84 2.17 22.09
C ALA A 48 -12.08 1.29 22.00
N SER A 49 -12.66 1.14 20.80
CA SER A 49 -13.78 0.23 20.62
C SER A 49 -13.30 -1.13 20.10
N GLY A 53 -14.72 -2.38 15.52
CA GLY A 53 -13.75 -2.15 14.46
C GLY A 53 -13.30 -0.70 14.36
N VAL A 54 -12.68 -0.37 13.23
CA VAL A 54 -12.15 0.97 12.98
C VAL A 54 -12.78 1.49 11.69
N ARG A 55 -13.29 2.72 11.73
CA ARG A 55 -13.89 3.36 10.57
C ARG A 55 -12.93 4.41 10.01
N CYS A 56 -12.64 4.31 8.72
CA CYS A 56 -11.73 5.25 8.09
C CYS A 56 -12.39 6.62 7.96
N PRO A 57 -11.68 7.70 8.28
CA PRO A 57 -12.28 9.04 8.25
C PRO A 57 -12.27 9.73 6.90
N PHE A 58 -11.72 9.12 5.85
CA PHE A 58 -11.68 9.71 4.52
C PHE A 58 -12.70 9.08 3.58
N CYS A 59 -12.72 7.75 3.49
CA CYS A 59 -13.86 7.02 2.95
C CYS A 59 -14.51 6.25 4.09
N SER A 60 -15.83 6.24 4.12
CA SER A 60 -16.55 5.81 5.31
C SER A 60 -16.57 4.29 5.51
N LYS A 61 -15.77 3.53 4.77
CA LYS A 61 -15.68 2.10 5.05
C LYS A 61 -15.01 1.87 6.40
N ILE A 62 -15.30 0.70 6.98
CA ILE A 62 -14.76 0.35 8.30
C ILE A 62 -13.85 -0.85 8.14
N THR A 63 -12.85 -0.91 9.00
CA THR A 63 -11.86 -2.00 9.02
C THR A 63 -12.03 -2.80 10.29
N ARG A 64 -12.05 -4.13 10.14
CA ARG A 64 -12.39 -5.02 11.23
C ARG A 64 -11.17 -5.31 12.11
N ILE A 65 -11.44 -5.54 13.39
CA ILE A 65 -10.38 -5.76 14.38
C ILE A 65 -9.65 -7.07 14.14
N THR A 69 -3.12 -6.16 16.83
CA THR A 69 -3.31 -5.50 15.54
C THR A 69 -2.76 -6.34 14.40
N GLN A 70 -3.64 -7.04 13.70
CA GLN A 70 -3.29 -7.83 12.53
C GLN A 70 -3.39 -7.02 11.24
N LEU A 71 -3.44 -5.69 11.35
CA LEU A 71 -3.48 -4.85 10.16
C LEU A 71 -2.18 -4.93 9.40
N THR A 72 -2.28 -4.94 8.07
CA THR A 72 -1.09 -4.97 7.23
C THR A 72 -0.40 -3.61 7.24
N ASP A 73 0.93 -3.63 7.23
CA ASP A 73 1.68 -2.40 7.12
C ASP A 73 1.63 -1.86 5.70
N ASN A 74 1.87 -0.56 5.55
CA ASN A 74 2.04 0.03 4.24
C ASN A 74 3.48 -0.23 3.83
N LEU A 75 3.68 -1.34 3.12
CA LEU A 75 5.03 -1.76 2.76
C LEU A 75 5.71 -0.79 1.81
N THR A 76 4.94 -0.09 0.98
CA THR A 76 5.51 0.88 0.05
C THR A 76 6.14 2.04 0.80
N VAL A 77 5.45 2.56 1.80
CA VAL A 77 6.00 3.66 2.59
C VAL A 77 7.22 3.21 3.36
N LEU A 78 7.15 2.02 3.98
CA LEU A 78 8.25 1.55 4.81
C LEU A 78 9.53 1.34 4.01
N LYS A 79 9.41 0.80 2.79
CA LYS A 79 10.59 0.63 1.95
C LYS A 79 11.18 1.97 1.56
N ILE A 80 10.33 2.96 1.29
CA ILE A 80 10.81 4.26 0.84
C ILE A 80 11.60 4.97 1.94
N ILE A 81 11.11 4.89 3.18
CA ILE A 81 11.71 5.67 4.27
C ILE A 81 12.76 4.83 4.99
N ASP A 82 13.06 3.65 4.44
CA ASP A 82 14.07 2.79 5.03
C ASP A 82 15.44 3.45 4.94
N THR A 83 16.12 3.56 6.08
CA THR A 83 17.45 4.16 6.17
C THR A 83 18.38 3.27 6.99
N ALA A 84 18.25 1.96 6.80
CA ALA A 84 19.10 1.02 7.54
C ALA A 84 20.56 1.07 7.09
N GLY A 85 20.82 1.57 5.89
CA GLY A 85 22.18 1.68 5.39
C GLY A 85 22.69 3.11 5.33
N SER B 2 12.02 15.10 5.33
CA SER B 2 12.10 13.65 5.49
C SER B 2 13.04 13.03 4.45
N HIS B 3 13.72 11.97 4.84
CA HIS B 3 14.63 11.27 3.94
C HIS B 3 13.91 10.09 3.29
N LEU B 4 14.48 9.60 2.20
CA LEU B 4 13.87 8.52 1.44
C LEU B 4 14.93 7.79 0.62
N ASN B 5 14.72 6.49 0.44
CA ASN B 5 15.64 5.64 -0.31
C ASN B 5 15.30 5.70 -1.79
N LEU B 6 16.26 6.15 -2.61
CA LEU B 6 16.00 6.34 -4.03
C LEU B 6 15.87 5.01 -4.76
N ASP B 7 16.73 4.05 -4.45
CA ASP B 7 16.65 2.74 -5.09
C ASP B 7 15.36 2.03 -4.70
N ALA B 8 14.96 2.16 -3.42
CA ALA B 8 13.69 1.58 -3.00
C ALA B 8 12.51 2.29 -3.64
N LEU B 9 12.62 3.61 -3.83
CA LEU B 9 11.55 4.34 -4.50
C LEU B 9 11.39 3.86 -5.95
N ARG B 10 12.49 3.46 -6.59
CA ARG B 10 12.39 2.91 -7.94
C ARG B 10 11.76 1.53 -7.92
N GLU B 11 12.08 0.72 -6.92
CA GLU B 11 11.54 -0.64 -6.83
C GLU B 11 10.02 -0.62 -6.70
N VAL B 12 9.51 0.26 -5.83
CA VAL B 12 8.08 0.26 -5.52
C VAL B 12 7.23 0.85 -6.63
N LEU B 13 7.83 1.51 -7.62
CA LEU B 13 7.09 2.12 -8.71
C LEU B 13 6.97 1.23 -9.93
N GLU B 14 7.54 0.03 -9.90
CA GLU B 14 7.42 -0.93 -10.99
C GLU B 14 7.00 -2.28 -10.43
N CYS B 15 6.26 -3.03 -11.24
CA CYS B 15 5.78 -4.34 -10.80
C CYS B 15 6.96 -5.25 -10.50
N PRO B 16 6.99 -5.91 -9.33
CA PRO B 16 8.12 -6.79 -9.00
C PRO B 16 8.14 -8.08 -9.80
N ILE B 17 7.14 -8.33 -10.65
CA ILE B 17 7.09 -9.55 -11.45
C ILE B 17 7.55 -9.26 -12.87
N CYS B 18 6.76 -8.48 -13.60
CA CYS B 18 7.05 -8.19 -15.01
C CYS B 18 8.05 -7.05 -15.20
N MET B 19 8.49 -6.40 -14.12
CA MET B 19 9.51 -5.35 -14.16
C MET B 19 9.04 -4.11 -14.91
N GLU B 20 7.75 -3.98 -15.18
CA GLU B 20 7.21 -2.80 -15.83
C GLU B 20 6.73 -1.78 -14.79
N SER B 21 6.88 -0.50 -15.13
CA SER B 21 6.45 0.56 -14.23
C SER B 21 4.92 0.60 -14.16
N PHE B 22 4.41 0.83 -12.95
CA PHE B 22 2.97 0.89 -12.75
C PHE B 22 2.36 2.05 -13.53
N THR B 23 1.14 1.83 -14.02
CA THR B 23 0.35 2.84 -14.71
C THR B 23 -0.99 3.00 -14.00
N GLU B 24 -1.79 3.95 -14.48
CA GLU B 24 -3.08 4.22 -13.84
C GLU B 24 -4.16 3.25 -14.29
N GLU B 25 -4.05 2.69 -15.50
CA GLU B 25 -5.09 1.82 -16.04
C GLU B 25 -4.53 0.44 -16.41
N GLN B 26 -3.65 0.35 -17.41
CA GLN B 26 -3.14 -0.94 -17.87
C GLN B 26 -2.45 -1.69 -16.74
N LEU B 27 -1.34 -1.14 -16.24
CA LEU B 27 -0.57 -1.75 -15.16
C LEU B 27 -0.96 -1.16 -13.81
N ARG B 28 -2.25 -1.18 -13.50
CA ARG B 28 -2.73 -0.57 -12.26
C ARG B 28 -2.22 -1.35 -11.06
N PRO B 29 -1.62 -0.69 -10.08
CA PRO B 29 -1.06 -1.40 -8.92
C PRO B 29 -2.16 -1.86 -7.98
N LYS B 30 -2.24 -3.18 -7.77
CA LYS B 30 -3.27 -3.78 -6.94
C LYS B 30 -2.66 -4.29 -5.63
N LEU B 31 -3.38 -4.09 -4.54
CA LEU B 31 -2.92 -4.50 -3.22
C LEU B 31 -3.45 -5.88 -2.89
N LEU B 32 -2.55 -6.85 -2.74
CA LEU B 32 -2.93 -8.14 -2.19
C LEU B 32 -3.17 -8.03 -0.69
N HIS B 33 -3.91 -9.00 -0.15
CA HIS B 33 -4.26 -8.96 1.27
C HIS B 33 -3.04 -9.11 2.17
N CYS B 34 -1.94 -9.65 1.66
CA CYS B 34 -0.70 -9.74 2.43
C CYS B 34 0.06 -8.42 2.47
N GLY B 35 -0.33 -7.44 1.66
CA GLY B 35 0.32 -6.14 1.62
C GLY B 35 1.22 -5.92 0.43
N HIS B 36 1.61 -6.98 -0.28
CA HIS B 36 2.44 -6.84 -1.46
C HIS B 36 1.60 -6.34 -2.64
N THR B 37 2.28 -5.69 -3.59
CA THR B 37 1.64 -5.04 -4.71
C THR B 37 2.15 -5.64 -6.02
N ILE B 38 1.22 -6.00 -6.90
CA ILE B 38 1.54 -6.45 -8.26
C ILE B 38 0.64 -5.72 -9.22
N CYS B 39 1.08 -5.62 -10.47
CA CYS B 39 0.34 -4.86 -11.46
C CYS B 39 -0.94 -5.59 -11.86
N ARG B 40 -1.81 -4.86 -12.56
CA ARG B 40 -3.10 -5.39 -12.96
C ARG B 40 -2.95 -6.53 -13.97
N GLN B 41 -1.94 -6.47 -14.85
CA GLN B 41 -1.80 -7.47 -15.89
C GLN B 41 -1.25 -8.78 -15.33
N CYS B 42 -0.20 -8.70 -14.51
CA CYS B 42 0.33 -9.91 -13.87
C CYS B 42 -0.68 -10.57 -12.95
N LEU B 43 -1.54 -9.76 -12.32
CA LEU B 43 -2.55 -10.33 -11.44
C LEU B 43 -3.59 -11.13 -12.23
N GLU B 44 -3.90 -10.72 -13.46
CA GLU B 44 -4.83 -11.49 -14.27
C GLU B 44 -4.25 -12.85 -14.65
N LYS B 45 -2.94 -12.95 -14.80
CA LYS B 45 -2.31 -14.23 -15.09
C LYS B 45 -2.43 -15.17 -13.91
N LEU B 46 -2.28 -14.65 -12.68
CA LEU B 46 -2.43 -15.50 -11.51
C LEU B 46 -3.89 -15.73 -11.15
N LEU B 47 -4.80 -14.87 -11.62
CA LEU B 47 -6.22 -15.15 -11.45
C LEU B 47 -6.72 -16.14 -12.49
N ALA B 48 -5.99 -16.29 -13.60
CA ALA B 48 -6.35 -17.30 -14.60
C ALA B 48 -6.19 -18.71 -14.05
N SER B 49 -5.22 -18.90 -13.15
CA SER B 49 -5.00 -20.18 -12.49
C SER B 49 -5.63 -20.24 -11.10
N SER B 50 -6.57 -19.34 -10.81
CA SER B 50 -7.23 -19.30 -9.51
C SER B 50 -8.02 -20.58 -9.26
N GLY B 53 -8.59 -18.49 -5.36
CA GLY B 53 -7.93 -17.27 -4.95
C GLY B 53 -6.66 -16.98 -5.71
N VAL B 54 -5.84 -16.07 -5.18
CA VAL B 54 -4.59 -15.66 -5.80
C VAL B 54 -3.46 -15.91 -4.82
N ARG B 55 -2.38 -16.51 -5.31
CA ARG B 55 -1.20 -16.82 -4.49
C ARG B 55 -0.12 -15.80 -4.78
N CYS B 56 0.35 -15.13 -3.74
CA CYS B 56 1.43 -14.16 -3.89
C CYS B 56 2.73 -14.90 -4.15
N PRO B 57 3.55 -14.47 -5.11
CA PRO B 57 4.78 -15.21 -5.43
C PRO B 57 5.97 -14.83 -4.57
N PHE B 58 5.83 -13.88 -3.65
CA PHE B 58 6.94 -13.47 -2.79
C PHE B 58 6.78 -14.01 -1.37
N CYS B 59 5.61 -13.82 -0.77
CA CYS B 59 5.22 -14.58 0.41
C CYS B 59 4.05 -15.49 0.02
N SER B 60 4.09 -16.72 0.50
CA SER B 60 3.16 -17.73 -0.01
C SER B 60 1.73 -17.55 0.48
N LYS B 61 1.38 -16.40 1.04
CA LYS B 61 0.01 -16.13 1.46
C LYS B 61 -0.93 -16.09 0.26
N ILE B 62 -2.21 -16.34 0.51
CA ILE B 62 -3.23 -16.42 -0.53
C ILE B 62 -4.23 -15.29 -0.34
N THR B 63 -4.71 -14.73 -1.44
CA THR B 63 -5.76 -13.72 -1.42
C THR B 63 -6.96 -14.29 -2.18
N ARG B 64 -8.11 -14.32 -1.50
CA ARG B 64 -9.31 -14.93 -2.07
C ARG B 64 -10.13 -13.88 -2.81
N ILE B 65 -10.08 -13.90 -4.14
CA ILE B 65 -10.87 -13.01 -4.98
C ILE B 65 -11.32 -13.75 -6.23
N THR B 66 -12.43 -13.28 -6.79
CA THR B 66 -12.92 -13.76 -8.08
C THR B 66 -12.95 -12.68 -9.14
N SER B 67 -12.64 -11.43 -8.79
CA SER B 67 -12.59 -10.34 -9.75
C SER B 67 -11.66 -9.27 -9.18
N LEU B 68 -10.93 -8.60 -10.08
CA LEU B 68 -9.93 -7.62 -9.64
C LEU B 68 -10.56 -6.39 -9.00
N THR B 69 -11.83 -6.11 -9.31
CA THR B 69 -12.51 -4.98 -8.68
C THR B 69 -12.64 -5.14 -7.17
N GLN B 70 -12.53 -6.38 -6.67
CA GLN B 70 -12.60 -6.62 -5.23
C GLN B 70 -11.31 -6.25 -4.52
N LEU B 71 -10.20 -6.19 -5.23
CA LEU B 71 -8.91 -5.87 -4.62
C LEU B 71 -8.71 -4.36 -4.54
N THR B 72 -8.13 -3.92 -3.43
CA THR B 72 -7.86 -2.50 -3.24
C THR B 72 -6.67 -2.06 -4.09
N ASP B 73 -6.76 -0.85 -4.61
CA ASP B 73 -5.62 -0.27 -5.31
C ASP B 73 -4.56 0.18 -4.31
N ASN B 74 -3.33 0.29 -4.79
CA ASN B 74 -2.25 0.87 -4.01
C ASN B 74 -2.34 2.38 -4.14
N LEU B 75 -3.05 3.00 -3.20
CA LEU B 75 -3.29 4.44 -3.28
C LEU B 75 -2.00 5.23 -3.16
N THR B 76 -1.00 4.69 -2.44
CA THR B 76 0.27 5.39 -2.30
C THR B 76 1.00 5.48 -3.63
N VAL B 77 1.08 4.37 -4.37
CA VAL B 77 1.74 4.38 -5.66
C VAL B 77 1.01 5.27 -6.65
N LEU B 78 -0.32 5.18 -6.69
CA LEU B 78 -1.10 5.95 -7.66
C LEU B 78 -0.96 7.44 -7.41
N LYS B 79 -0.94 7.86 -6.14
CA LYS B 79 -0.75 9.27 -5.82
C LYS B 79 0.62 9.75 -6.28
N ILE B 80 1.64 8.91 -6.15
CA ILE B 80 3.00 9.30 -6.51
C ILE B 80 3.12 9.54 -8.01
N ILE B 81 2.51 8.68 -8.82
CA ILE B 81 2.70 8.71 -10.27
C ILE B 81 1.60 9.52 -10.96
N ASP B 82 0.74 10.16 -10.17
CA ASP B 82 -0.34 10.96 -10.75
C ASP B 82 0.20 12.16 -11.52
ZN ZN C . -0.86 9.94 12.83
ZN ZN D . -10.70 4.82 3.60
ZN ZN E . 3.43 -6.82 -13.64
ZN ZN F . 2.71 -11.51 -0.32
#